data_6OAK
#
_entry.id   6OAK
#
_cell.length_a   66.497
_cell.length_b   89.333
_cell.length_c   94.161
_cell.angle_alpha   90.00
_cell.angle_beta   90.00
_cell.angle_gamma   90.00
#
_symmetry.space_group_name_H-M   'P 21 21 21'
#
loop_
_entity.id
_entity.type
_entity.pdbx_description
1 polymer 'Poly(ADP-ribose) glycohydrolase'
2 non-polymer (8S)-1,3-dimethyl-8-{[2-(morpholin-4-yl)ethyl]sulfanyl}-6-sulfanylidene-1,3,6,7,8,9-hexahydro-2H-purin-2-one
3 water water
#
_entity_poly.entity_id   1
_entity_poly.type   'polypeptide(L)'
_entity_poly.pdbx_seq_one_letter_code
;SPDKKWLGTPIEEMRRMPRCGIRLPLLRPSANHTVTIRVDLLRAGEVPKPFPTHYKDLWDNKHVKMPCSEQNLYPVEDEN
GERTAGSRWELIQTALLNKFTRPQNLKDAILKYNVAYSKKWDFTALIDFWDKVLEEAEAQHLYQSILPDMVKIAL(CME)
LPNICTQPIPLLKQKMNHSITMSQEQIASLLANAFFCTFPRRNAKMKSEYSSYPDINFNRLFEGRSSRKPEKLKTLFCYF
RRVTEKKPTGLVTFTRQSLEDFPEWERCEKPLTRLHVTYEGTIEENGQGMLQVDFANRFVGGGVTSAGLVQEEIRFLINP
ELIISRLFTEVLDHNECLIITGTEQYSEYTGYAETYRWSRSHEDGSERDDWQRRCTEIVAIDALHFRRYLDQFVPEKMRR
ELNKAYCGFLRPGVSSENLSAVATGNWGCGAFGGDARLKALIQILAAAAAERDVVYFTFGDSELMRDIYSMHIFLTERKL
TVGDVYKLLLRYYNEECRNCSTPGPDIKLYPFIYHAVESCAETADHSGQRTGT
;
_entity_poly.pdbx_strand_id   A
#
loop_
_chem_comp.id
_chem_comp.type
_chem_comp.name
_chem_comp.formula
M0M non-polymer (8S)-1,3-dimethyl-8-{[2-(morpholin-4-yl)ethyl]sulfanyl}-6-sulfanylidene-1,3,6,7,8,9-hexahydro-2H-purin-2-one 'C13 H21 N5 O2 S2'
#
# COMPACT_ATOMS: atom_id res chain seq x y z
N LYS A 4 -15.40 28.40 -1.41
CA LYS A 4 -14.00 28.12 -1.66
C LYS A 4 -13.77 26.61 -1.81
N LYS A 5 -12.72 26.24 -2.56
CA LYS A 5 -12.41 24.84 -2.80
C LYS A 5 -11.58 24.21 -1.70
N TRP A 6 -10.95 25.02 -0.85
CA TRP A 6 -10.10 24.54 0.22
C TRP A 6 -10.15 25.54 1.36
N LEU A 7 -9.99 25.04 2.58
CA LEU A 7 -10.05 25.86 3.78
C LEU A 7 -8.85 25.56 4.66
N GLY A 8 -8.52 26.51 5.51
CA GLY A 8 -7.47 26.35 6.49
C GLY A 8 -6.13 26.88 6.03
N THR A 9 -5.07 26.23 6.49
CA THR A 9 -3.72 26.63 6.13
C THR A 9 -3.50 26.42 4.64
N PRO A 10 -2.90 27.38 3.92
CA PRO A 10 -2.54 27.11 2.53
C PRO A 10 -1.66 25.87 2.42
N ILE A 11 -1.89 25.08 1.37
CA ILE A 11 -1.13 23.84 1.23
C ILE A 11 0.35 24.17 0.95
N GLU A 12 0.62 25.32 0.33
CA GLU A 12 2.00 25.72 0.07
C GLU A 12 2.82 25.84 1.35
N GLU A 13 2.16 26.06 2.49
CA GLU A 13 2.84 26.25 3.75
C GLU A 13 3.07 24.95 4.50
N MET A 14 2.58 23.83 3.99
CA MET A 14 2.81 22.52 4.60
C MET A 14 4.16 21.95 4.19
N ARG A 15 4.74 21.14 5.07
CA ARG A 15 6.03 20.52 4.80
C ARG A 15 5.89 19.33 3.85
N ARG A 16 6.90 19.15 3.01
CA ARG A 16 6.92 18.06 2.05
C ARG A 16 8.37 17.66 1.76
N MET A 17 8.53 16.42 1.30
CA MET A 17 9.84 15.93 0.86
C MET A 17 10.06 16.29 -0.60
N PRO A 18 11.32 16.47 -1.01
CA PRO A 18 12.54 16.29 -0.23
C PRO A 18 12.95 17.47 0.65
N ARG A 19 12.31 18.64 0.46
CA ARG A 19 12.83 19.86 1.07
C ARG A 19 12.87 19.77 2.59
N CYS A 20 11.94 19.05 3.21
CA CYS A 20 11.85 19.05 4.67
C CYS A 20 12.69 17.96 5.32
N GLY A 21 13.28 17.05 4.55
CA GLY A 21 13.99 15.94 5.14
C GLY A 21 15.39 16.31 5.57
N ILE A 22 15.92 15.50 6.49
CA ILE A 22 17.34 15.56 6.82
C ILE A 22 18.12 14.75 5.80
N ARG A 23 19.40 15.07 5.67
CA ARG A 23 20.28 14.25 4.84
C ARG A 23 20.25 12.82 5.36
N LEU A 24 20.04 11.87 4.45
CA LEU A 24 20.01 10.47 4.86
C LEU A 24 21.41 10.02 5.26
N PRO A 25 21.52 9.17 6.28
CA PRO A 25 22.82 8.53 6.53
C PRO A 25 23.18 7.60 5.39
N LEU A 26 24.39 7.07 5.46
CA LEU A 26 24.84 6.11 4.45
C LEU A 26 23.97 4.85 4.51
N LEU A 27 23.40 4.46 3.38
CA LEU A 27 22.61 3.24 3.32
C LEU A 27 23.50 2.05 3.65
N ARG A 28 23.07 1.24 4.62
CA ARG A 28 23.95 0.17 5.06
C ARG A 28 23.11 -0.97 5.61
N PRO A 29 23.44 -2.22 5.33
CA PRO A 29 22.73 -3.33 5.97
C PRO A 29 23.07 -3.43 7.44
N SER A 30 22.12 -3.97 8.20
CA SER A 30 22.27 -4.11 9.64
C SER A 30 21.26 -5.16 10.10
N ALA A 31 21.21 -5.35 11.42
CA ALA A 31 20.32 -6.37 11.98
C ALA A 31 18.86 -6.06 11.69
N ASN A 32 18.49 -4.79 11.56
CA ASN A 32 17.12 -4.40 11.30
C ASN A 32 16.91 -3.81 9.91
N HIS A 33 17.88 -3.95 9.01
CA HIS A 33 17.75 -3.40 7.65
C HIS A 33 18.42 -4.36 6.66
N THR A 34 17.60 -5.04 5.88
CA THR A 34 18.05 -5.89 4.77
C THR A 34 18.23 -5.01 3.54
N VAL A 35 19.41 -5.06 2.92
CA VAL A 35 19.69 -4.31 1.70
C VAL A 35 20.22 -5.28 0.66
N THR A 36 19.52 -5.37 -0.47
CA THR A 36 19.76 -6.44 -1.43
C THR A 36 20.57 -6.00 -2.64
N ILE A 37 21.24 -4.85 -2.56
CA ILE A 37 22.02 -4.31 -3.66
C ILE A 37 23.35 -3.81 -3.11
N ARG A 38 24.27 -3.53 -4.03
CA ARG A 38 25.61 -3.08 -3.67
C ARG A 38 25.57 -1.58 -3.37
N VAL A 39 25.64 -1.23 -2.09
CA VAL A 39 25.55 0.18 -1.75
C VAL A 39 26.75 0.93 -2.30
N ASP A 40 27.92 0.28 -2.33
CA ASP A 40 29.12 0.97 -2.79
C ASP A 40 29.06 1.30 -4.27
N LEU A 41 28.18 0.65 -5.03
CA LEU A 41 28.03 0.90 -6.46
C LEU A 41 26.76 1.65 -6.82
N LEU A 42 25.97 2.06 -5.83
CA LEU A 42 24.70 2.72 -6.13
C LEU A 42 24.99 4.09 -6.72
N ARG A 43 24.46 4.34 -7.92
CA ARG A 43 24.75 5.57 -8.64
C ARG A 43 23.52 6.01 -9.42
N ALA A 44 23.23 7.31 -9.35
CA ALA A 44 22.08 7.86 -10.05
C ALA A 44 22.09 7.44 -11.52
N GLY A 45 20.96 6.92 -11.98
CA GLY A 45 20.78 6.56 -13.37
C GLY A 45 21.44 5.26 -13.79
N GLU A 46 22.02 4.51 -12.86
CA GLU A 46 22.56 3.18 -13.13
C GLU A 46 21.68 2.13 -12.47
N VAL A 47 21.48 1.02 -13.18
CA VAL A 47 20.83 -0.15 -12.62
C VAL A 47 21.64 -0.65 -11.42
N PRO A 48 21.03 -0.79 -10.24
CA PRO A 48 21.78 -1.31 -9.09
C PRO A 48 22.26 -2.74 -9.31
N LYS A 49 23.43 -3.05 -8.73
CA LYS A 49 24.00 -4.38 -8.80
C LYS A 49 23.52 -5.22 -7.62
N PRO A 50 22.96 -6.41 -7.85
CA PRO A 50 22.55 -7.25 -6.72
C PRO A 50 23.72 -7.59 -5.81
N PHE A 51 23.43 -7.68 -4.52
CA PHE A 51 24.35 -8.25 -3.56
C PHE A 51 23.66 -9.37 -2.81
N PRO A 52 24.26 -10.57 -2.76
CA PRO A 52 25.57 -10.99 -3.28
C PRO A 52 25.56 -11.20 -4.79
N THR A 53 26.74 -11.52 -5.33
CA THR A 53 26.88 -11.68 -6.78
C THR A 53 26.20 -12.96 -7.26
N HIS A 54 26.31 -14.03 -6.48
CA HIS A 54 25.74 -15.33 -6.83
C HIS A 54 24.59 -15.65 -5.88
N TYR A 55 23.53 -16.27 -6.43
CA TYR A 55 22.34 -16.60 -5.67
C TYR A 55 22.66 -17.37 -4.39
N LYS A 56 22.06 -16.93 -3.29
CA LYS A 56 22.07 -17.65 -2.02
C LYS A 56 20.63 -17.95 -1.61
N ASP A 57 20.38 -19.19 -1.17
CA ASP A 57 19.03 -19.66 -0.89
C ASP A 57 18.82 -19.89 0.59
N LEU A 58 17.69 -19.42 1.10
CA LEU A 58 17.18 -19.87 2.40
C LEU A 58 15.74 -20.31 2.19
N TRP A 59 15.45 -21.53 2.62
CA TRP A 59 14.14 -22.16 2.52
C TRP A 59 13.74 -22.51 3.94
N ASP A 60 13.09 -21.58 4.65
CA ASP A 60 12.79 -21.78 6.05
C ASP A 60 11.61 -20.88 6.47
N ASN A 61 11.36 -20.85 7.78
CA ASN A 61 10.19 -20.21 8.37
C ASN A 61 10.30 -18.69 8.47
N LYS A 62 11.45 -18.11 8.12
CA LYS A 62 11.67 -16.68 8.32
C LYS A 62 11.95 -15.93 7.03
N HIS A 63 11.93 -16.60 5.88
CA HIS A 63 12.24 -15.96 4.60
C HIS A 63 11.24 -16.37 3.54
N VAL A 64 11.14 -15.54 2.49
CA VAL A 64 10.36 -15.90 1.32
C VAL A 64 10.89 -17.21 0.76
N LYS A 65 9.98 -18.10 0.38
CA LYS A 65 10.35 -19.33 -0.34
C LYS A 65 10.36 -19.00 -1.83
N MET A 66 11.56 -18.93 -2.40
CA MET A 66 11.73 -18.47 -3.77
C MET A 66 11.38 -19.57 -4.76
N PRO A 67 10.76 -19.24 -5.89
CA PRO A 67 10.43 -20.30 -6.85
C PRO A 67 11.66 -20.98 -7.41
N CYS A 68 12.80 -20.30 -7.42
CA CYS A 68 14.03 -20.84 -7.99
C CYS A 68 14.85 -21.65 -6.98
N SER A 69 14.32 -21.85 -5.78
CA SER A 69 15.02 -22.65 -4.77
C SER A 69 15.17 -24.08 -5.23
N GLU A 70 16.34 -24.67 -4.92
CA GLU A 70 16.52 -26.09 -5.17
C GLU A 70 15.58 -26.93 -4.31
N GLN A 71 15.02 -26.37 -3.24
CA GLN A 71 14.09 -27.10 -2.38
C GLN A 71 12.64 -26.95 -2.84
N ASN A 72 12.39 -26.25 -3.94
CA ASN A 72 11.06 -26.15 -4.55
C ASN A 72 10.88 -27.33 -5.51
N LEU A 73 10.27 -28.40 -5.01
CA LEU A 73 10.21 -29.68 -5.71
C LEU A 73 8.78 -30.09 -6.00
N TYR A 74 8.62 -31.00 -6.96
CA TYR A 74 7.33 -31.60 -7.23
C TYR A 74 7.44 -33.10 -7.50
N ALA A 85 11.55 -37.00 -6.96
CA ALA A 85 11.05 -35.63 -7.03
C ALA A 85 11.70 -34.87 -8.17
N GLY A 86 11.01 -33.84 -8.66
CA GLY A 86 11.50 -33.02 -9.74
C GLY A 86 11.71 -31.59 -9.30
N SER A 87 12.41 -30.80 -10.10
CA SER A 87 12.68 -29.40 -9.78
C SER A 87 11.56 -28.54 -10.36
N ARG A 88 10.82 -27.87 -9.48
CA ARG A 88 9.71 -27.03 -9.94
C ARG A 88 10.22 -25.85 -10.76
N TRP A 89 11.38 -25.30 -10.41
CA TRP A 89 11.97 -24.22 -11.20
C TRP A 89 12.28 -24.67 -12.61
N GLU A 90 12.80 -25.88 -12.78
CA GLU A 90 13.04 -26.40 -14.13
C GLU A 90 11.74 -26.55 -14.90
N LEU A 91 10.68 -26.97 -14.22
CA LEU A 91 9.38 -27.12 -14.85
C LEU A 91 8.82 -25.76 -15.25
N ILE A 92 8.99 -24.75 -14.40
CA ILE A 92 8.59 -23.39 -14.70
C ILE A 92 9.28 -22.90 -15.96
N GLN A 93 10.60 -23.11 -16.04
CA GLN A 93 11.35 -22.68 -17.22
C GLN A 93 10.80 -23.35 -18.48
N THR A 94 10.58 -24.67 -18.42
CA THR A 94 10.10 -25.39 -19.59
C THR A 94 8.70 -24.92 -19.99
N ALA A 95 7.85 -24.68 -19.00
CA ALA A 95 6.48 -24.25 -19.27
C ALA A 95 6.44 -22.86 -19.91
N LEU A 96 7.21 -21.91 -19.37
CA LEU A 96 7.05 -20.52 -19.79
C LEU A 96 7.83 -20.17 -21.05
N LEU A 97 8.79 -21.00 -21.47
CA LEU A 97 9.60 -20.66 -22.63
C LEU A 97 8.99 -21.15 -23.93
N ASN A 98 7.70 -21.41 -23.94
CA ASN A 98 6.98 -21.72 -25.17
C ASN A 98 6.37 -20.46 -25.74
N LYS A 99 6.21 -20.44 -27.06
CA LYS A 99 5.53 -19.34 -27.72
C LYS A 99 4.06 -19.36 -27.32
N PHE A 100 3.54 -18.20 -26.90
CA PHE A 100 2.11 -18.03 -26.71
C PHE A 100 1.56 -17.32 -27.93
N THR A 101 0.52 -17.89 -28.53
CA THR A 101 -0.23 -17.23 -29.58
C THR A 101 -1.71 -17.13 -29.28
N ARG A 102 -2.20 -17.85 -28.29
CA ARG A 102 -3.60 -17.84 -27.87
C ARG A 102 -3.65 -17.91 -26.36
N PRO A 103 -4.68 -17.32 -25.73
CA PRO A 103 -4.68 -17.29 -24.26
C PRO A 103 -4.66 -18.66 -23.62
N GLN A 104 -5.24 -19.68 -24.26
CA GLN A 104 -5.15 -21.02 -23.68
C GLN A 104 -3.71 -21.46 -23.49
N ASN A 105 -2.79 -21.00 -24.36
CA ASN A 105 -1.39 -21.38 -24.21
C ASN A 105 -0.84 -20.90 -22.88
N LEU A 106 -1.22 -19.70 -22.46
CA LEU A 106 -0.71 -19.14 -21.22
C LEU A 106 -1.36 -19.79 -20.02
N LYS A 107 -2.67 -20.03 -20.07
CA LYS A 107 -3.31 -20.81 -19.02
C LYS A 107 -2.63 -22.17 -18.86
N ASP A 108 -2.39 -22.88 -19.97
CA ASP A 108 -1.82 -24.21 -19.87
C ASP A 108 -0.42 -24.15 -19.27
N ALA A 109 0.35 -23.13 -19.63
CA ALA A 109 1.71 -23.00 -19.12
C ALA A 109 1.71 -22.82 -17.61
N ILE A 110 0.91 -21.88 -17.10
CA ILE A 110 0.85 -21.62 -15.67
C ILE A 110 0.40 -22.86 -14.91
N LEU A 111 -0.50 -23.65 -15.49
CA LEU A 111 -1.02 -24.82 -14.80
C LEU A 111 -0.08 -26.01 -14.86
N LYS A 112 0.94 -25.97 -15.71
CA LYS A 112 1.91 -27.07 -15.76
C LYS A 112 2.64 -27.22 -14.43
N TYR A 113 2.92 -26.12 -13.74
CA TYR A 113 3.55 -26.17 -12.43
C TYR A 113 2.56 -25.82 -11.32
N ASN A 114 1.26 -25.91 -11.61
CA ASN A 114 0.19 -25.69 -10.63
C ASN A 114 -0.91 -26.72 -10.85
N VAL A 115 -0.54 -27.98 -11.06
CA VAL A 115 -1.49 -29.02 -11.47
C VAL A 115 -2.62 -29.13 -10.48
N ALA A 116 -2.33 -28.97 -9.19
CA ALA A 116 -3.33 -29.15 -8.15
C ALA A 116 -4.48 -28.16 -8.25
N TYR A 117 -4.28 -27.05 -8.96
CA TYR A 117 -5.26 -25.99 -9.08
C TYR A 117 -5.89 -25.92 -10.46
N SER A 118 -5.65 -26.93 -11.31
CA SER A 118 -6.13 -26.88 -12.69
C SER A 118 -7.64 -26.80 -12.77
N LYS A 119 -8.35 -27.30 -11.75
CA LYS A 119 -9.80 -27.15 -11.72
C LYS A 119 -10.22 -25.90 -10.97
N LYS A 120 -9.49 -25.55 -9.91
CA LYS A 120 -9.93 -24.50 -9.00
C LYS A 120 -9.72 -23.11 -9.61
N TRP A 121 -8.66 -22.93 -10.38
CA TRP A 121 -8.31 -21.62 -10.91
C TRP A 121 -9.02 -21.35 -12.24
N ASP A 122 -9.79 -20.27 -12.28
CA ASP A 122 -10.50 -19.82 -13.47
C ASP A 122 -9.67 -18.77 -14.19
N PHE A 123 -9.61 -18.87 -15.51
CA PHE A 123 -8.86 -17.93 -16.34
C PHE A 123 -9.75 -17.10 -17.25
N THR A 124 -11.07 -17.08 -16.99
CA THR A 124 -11.99 -16.42 -17.90
C THR A 124 -11.60 -14.97 -18.17
N ALA A 125 -11.15 -14.23 -17.15
CA ALA A 125 -10.83 -12.82 -17.35
C ALA A 125 -9.61 -12.63 -18.22
N LEU A 126 -8.62 -13.51 -18.10
CA LEU A 126 -7.45 -13.44 -18.95
C LEU A 126 -7.80 -13.78 -20.40
N ILE A 127 -8.56 -14.86 -20.59
CA ILE A 127 -9.01 -15.25 -21.92
C ILE A 127 -9.83 -14.12 -22.55
N ASP A 128 -10.75 -13.56 -21.78
CA ASP A 128 -11.60 -12.49 -22.29
C ASP A 128 -10.81 -11.22 -22.59
N PHE A 129 -9.83 -10.88 -21.74
CA PHE A 129 -9.01 -9.69 -22.01
C PHE A 129 -8.34 -9.83 -23.37
N TRP A 130 -7.68 -10.96 -23.57
CA TRP A 130 -6.90 -11.24 -24.77
C TRP A 130 -7.79 -11.34 -26.01
N ASP A 131 -8.89 -12.10 -25.92
CA ASP A 131 -9.71 -12.39 -27.08
C ASP A 131 -10.82 -11.38 -27.33
N LYS A 132 -11.37 -10.78 -26.27
CA LYS A 132 -12.61 -10.05 -26.39
C LYS A 132 -12.51 -8.56 -26.05
N VAL A 133 -11.46 -8.12 -25.38
CA VAL A 133 -11.26 -6.70 -25.12
C VAL A 133 -10.26 -6.09 -26.08
N LEU A 134 -9.08 -6.68 -26.18
CA LEU A 134 -8.02 -6.16 -27.03
C LEU A 134 -8.38 -6.30 -28.51
N GLU A 135 -8.05 -5.26 -29.27
CA GLU A 135 -8.04 -5.36 -30.73
C GLU A 135 -6.87 -6.26 -31.16
N GLU A 136 -6.89 -6.63 -32.44
CA GLU A 136 -5.93 -7.62 -32.94
C GLU A 136 -4.48 -7.15 -32.74
N ALA A 137 -4.20 -5.89 -33.06
CA ALA A 137 -2.83 -5.40 -32.96
C ALA A 137 -2.36 -5.36 -31.51
N GLU A 138 -3.26 -4.99 -30.59
CA GLU A 138 -2.92 -4.96 -29.17
C GLU A 138 -2.63 -6.36 -28.64
N ALA A 139 -3.46 -7.33 -29.02
CA ALA A 139 -3.22 -8.71 -28.61
C ALA A 139 -1.89 -9.21 -29.15
N GLN A 140 -1.58 -8.88 -30.42
CA GLN A 140 -0.31 -9.28 -30.98
C GLN A 140 0.85 -8.69 -30.19
N HIS A 141 0.77 -7.41 -29.86
CA HIS A 141 1.80 -6.80 -29.04
C HIS A 141 1.91 -7.50 -27.69
N LEU A 142 0.78 -7.90 -27.12
CA LEU A 142 0.82 -8.60 -25.84
C LEU A 142 1.59 -9.90 -25.93
N TYR A 143 1.27 -10.75 -26.92
CA TYR A 143 1.89 -12.07 -26.91
C TYR A 143 3.19 -12.14 -27.70
N GLN A 144 3.47 -11.19 -28.59
CA GLN A 144 4.74 -11.19 -29.29
C GLN A 144 5.83 -10.45 -28.55
N SER A 145 5.47 -9.49 -27.69
CA SER A 145 6.45 -8.64 -27.02
C SER A 145 6.31 -8.65 -25.51
N ILE A 146 5.14 -8.27 -24.97
CA ILE A 146 5.03 -8.03 -23.54
C ILE A 146 5.20 -9.33 -22.76
N LEU A 147 4.38 -10.34 -23.07
CA LEU A 147 4.47 -11.59 -22.30
C LEU A 147 5.84 -12.24 -22.41
N PRO A 148 6.45 -12.37 -23.59
CA PRO A 148 7.81 -12.94 -23.63
C PRO A 148 8.81 -12.16 -22.80
N ASP A 149 8.73 -10.83 -22.80
CA ASP A 149 9.64 -10.02 -21.99
C ASP A 149 9.38 -10.24 -20.50
N MET A 150 8.11 -10.39 -20.13
CA MET A 150 7.79 -10.71 -18.74
C MET A 150 8.35 -12.07 -18.34
N VAL A 151 8.23 -13.07 -19.21
CA VAL A 151 8.82 -14.39 -18.93
C VAL A 151 10.31 -14.26 -18.68
N LYS A 152 11.01 -13.51 -19.54
CA LYS A 152 12.47 -13.43 -19.42
C LYS A 152 12.88 -12.77 -18.11
N ILE A 153 12.20 -11.70 -17.67
CA ILE A 153 12.62 -11.10 -16.40
C ILE A 153 12.22 -12.00 -15.24
N ALA A 154 11.10 -12.72 -15.34
CA ALA A 154 10.75 -13.68 -14.30
C ALA A 154 11.82 -14.76 -14.16
N LEU A 155 12.25 -15.34 -15.27
CA LEU A 155 13.21 -16.47 -15.25
C LEU A 155 14.62 -16.00 -14.88
N CME A 156 14.88 -14.70 -14.87
CA CME A 156 16.18 -14.12 -14.44
CB CME A 156 16.41 -12.78 -15.05
SG CME A 156 17.09 -12.79 -16.72
SD CME A 156 19.05 -13.32 -16.37
CE CME A 156 19.55 -14.17 -17.90
CZ CME A 156 21.03 -14.26 -18.00
OH CME A 156 21.48 -15.48 -17.47
C CME A 156 16.28 -14.02 -12.91
O CME A 156 17.29 -13.59 -12.44
H CME A 156 14.29 -14.07 -15.12
HA CME A 156 16.90 -14.72 -14.76
HB2 CME A 156 17.03 -12.27 -14.46
HB3 CME A 156 15.53 -12.31 -15.07
HE2 CME A 156 19.19 -13.68 -18.67
HE3 CME A 156 19.16 -15.08 -17.89
HZ2 CME A 156 21.43 -13.52 -17.51
HZ3 CME A 156 21.29 -14.19 -18.94
HH CME A 156 21.45 -15.43 -16.62
N LEU A 157 15.20 -14.27 -12.19
CA LEU A 157 15.11 -14.14 -10.72
C LEU A 157 16.39 -14.54 -10.00
N PRO A 158 16.99 -15.71 -10.20
CA PRO A 158 18.15 -16.08 -9.37
C PRO A 158 19.37 -15.23 -9.62
N ASN A 159 19.46 -14.55 -10.76
CA ASN A 159 20.54 -13.60 -11.02
C ASN A 159 20.21 -12.19 -10.56
N ILE A 160 18.95 -11.91 -10.26
CA ILE A 160 18.48 -10.58 -9.88
C ILE A 160 18.26 -10.48 -8.37
N CYS A 161 17.51 -11.42 -7.80
CA CYS A 161 17.23 -11.47 -6.37
C CYS A 161 18.11 -12.54 -5.75
N THR A 162 19.39 -12.20 -5.58
CA THR A 162 20.38 -13.16 -5.11
C THR A 162 20.37 -13.35 -3.60
N GLN A 163 19.80 -12.41 -2.85
CA GLN A 163 19.86 -12.42 -1.40
C GLN A 163 18.53 -12.84 -0.81
N PRO A 164 18.50 -13.75 0.16
CA PRO A 164 17.22 -14.12 0.79
C PRO A 164 16.48 -12.90 1.30
N ILE A 165 15.16 -12.94 1.17
CA ILE A 165 14.28 -11.85 1.59
C ILE A 165 13.60 -12.27 2.89
N PRO A 166 13.83 -11.59 4.01
CA PRO A 166 13.17 -11.98 5.24
C PRO A 166 11.69 -11.62 5.20
N LEU A 167 10.89 -12.45 5.86
CA LEU A 167 9.51 -12.08 6.10
C LEU A 167 9.45 -10.95 7.11
N LEU A 168 8.62 -9.95 6.82
CA LEU A 168 8.28 -8.92 7.81
C LEU A 168 7.12 -9.47 8.63
N LYS A 169 7.49 -10.24 9.67
CA LYS A 169 6.53 -10.96 10.49
C LYS A 169 6.00 -10.06 11.61
N GLN A 170 4.90 -10.50 12.21
CA GLN A 170 4.27 -9.76 13.29
C GLN A 170 5.29 -9.41 14.37
N LYS A 171 5.22 -8.17 14.83
CA LYS A 171 6.04 -7.63 15.92
C LYS A 171 7.46 -7.28 15.47
N MET A 172 7.85 -7.57 14.22
CA MET A 172 9.16 -7.17 13.76
C MET A 172 9.21 -5.69 13.45
N ASN A 173 10.30 -5.04 13.87
CA ASN A 173 10.65 -3.71 13.43
C ASN A 173 11.84 -3.89 12.49
N HIS A 174 11.55 -3.89 11.19
CA HIS A 174 12.55 -4.29 10.22
C HIS A 174 12.27 -3.61 8.88
N SER A 175 13.34 -3.36 8.13
CA SER A 175 13.23 -2.75 6.81
C SER A 175 13.91 -3.63 5.76
N ILE A 176 13.35 -3.60 4.56
CA ILE A 176 13.94 -4.21 3.37
C ILE A 176 14.07 -3.13 2.31
N THR A 177 15.28 -2.93 1.79
CA THR A 177 15.51 -2.01 0.69
C THR A 177 16.03 -2.81 -0.49
N MET A 178 15.30 -2.76 -1.61
CA MET A 178 15.60 -3.51 -2.81
C MET A 178 15.46 -2.59 -4.01
N SER A 179 15.94 -3.06 -5.16
CA SER A 179 15.85 -2.23 -6.35
C SER A 179 14.50 -2.42 -7.04
N GLN A 180 14.09 -1.39 -7.78
CA GLN A 180 12.88 -1.49 -8.59
C GLN A 180 12.99 -2.64 -9.60
N GLU A 181 14.20 -2.89 -10.11
CA GLU A 181 14.39 -3.99 -11.04
C GLU A 181 14.13 -5.33 -10.37
N GLN A 182 14.63 -5.50 -9.14
CA GLN A 182 14.35 -6.71 -8.37
C GLN A 182 12.85 -6.90 -8.18
N ILE A 183 12.15 -5.81 -7.84
CA ILE A 183 10.70 -5.89 -7.65
C ILE A 183 10.02 -6.33 -8.95
N ALA A 184 10.49 -5.83 -10.10
CA ALA A 184 9.87 -6.22 -11.37
C ALA A 184 10.02 -7.71 -11.64
N SER A 185 11.19 -8.28 -11.33
CA SER A 185 11.37 -9.72 -11.51
C SER A 185 10.43 -10.49 -10.59
N LEU A 186 10.33 -10.07 -9.34
CA LEU A 186 9.44 -10.73 -8.39
C LEU A 186 7.98 -10.61 -8.82
N LEU A 187 7.57 -9.45 -9.30
CA LEU A 187 6.17 -9.27 -9.71
C LEU A 187 5.86 -10.04 -10.99
N ALA A 188 6.84 -10.18 -11.89
CA ALA A 188 6.64 -11.03 -13.04
C ALA A 188 6.39 -12.47 -12.61
N ASN A 189 7.15 -12.95 -11.62
CA ASN A 189 6.89 -14.27 -11.07
C ASN A 189 5.49 -14.36 -10.46
N ALA A 190 5.05 -13.30 -9.77
CA ALA A 190 3.70 -13.33 -9.20
C ALA A 190 2.65 -13.42 -10.31
N PHE A 191 2.84 -12.68 -11.40
CA PHE A 191 1.92 -12.78 -12.52
C PHE A 191 1.83 -14.20 -13.04
N PHE A 192 2.97 -14.89 -13.20
CA PHE A 192 2.96 -16.26 -13.68
C PHE A 192 2.69 -17.27 -12.56
N CYS A 193 2.36 -16.80 -11.35
CA CYS A 193 1.91 -17.65 -10.24
C CYS A 193 2.95 -18.69 -9.82
N THR A 194 4.21 -18.25 -9.68
CA THR A 194 5.28 -19.21 -9.40
C THR A 194 5.63 -19.34 -7.92
N PHE A 195 5.11 -18.48 -7.05
CA PHE A 195 5.56 -18.54 -5.66
C PHE A 195 4.98 -19.74 -4.96
N PRO A 196 5.80 -20.67 -4.48
CA PRO A 196 5.28 -21.90 -3.84
C PRO A 196 4.75 -21.65 -2.44
N ARG A 197 3.81 -22.49 -2.03
CA ARG A 197 3.21 -22.49 -0.70
C ARG A 197 2.28 -21.30 -0.46
N ARG A 198 1.87 -20.59 -1.50
CA ARG A 198 1.07 -19.38 -1.34
C ARG A 198 -0.32 -19.52 -1.97
N ASN A 199 -0.78 -20.74 -2.23
CA ASN A 199 -1.98 -20.96 -3.04
C ASN A 199 -3.12 -21.66 -2.33
N ALA A 200 -2.84 -22.59 -1.43
CA ALA A 200 -3.90 -23.44 -0.89
C ALA A 200 -4.87 -22.63 -0.04
N LYS A 201 -6.17 -22.88 -0.23
CA LYS A 201 -7.18 -22.23 0.59
C LYS A 201 -6.96 -22.54 2.07
N MET A 202 -6.60 -23.78 2.37
CA MET A 202 -6.40 -24.23 3.74
C MET A 202 -4.92 -24.30 4.11
N LYS A 203 -4.10 -23.45 3.51
CA LYS A 203 -2.70 -23.41 3.89
C LYS A 203 -2.57 -22.95 5.33
N SER A 204 -1.44 -23.29 5.93
CA SER A 204 -1.14 -22.90 7.31
C SER A 204 0.06 -21.97 7.37
N GLU A 205 1.17 -22.35 6.74
CA GLU A 205 2.40 -21.58 6.85
C GLU A 205 2.16 -20.10 6.54
N TYR A 206 1.40 -19.83 5.48
CA TYR A 206 1.22 -18.47 4.98
C TYR A 206 -0.22 -18.00 5.10
N SER A 207 -1.01 -18.60 5.99
CA SER A 207 -2.41 -18.21 6.14
C SER A 207 -2.57 -16.79 6.66
N SER A 208 -1.57 -16.27 7.36
CA SER A 208 -1.59 -14.91 7.88
C SER A 208 -0.88 -13.91 6.97
N TYR A 209 -0.63 -14.29 5.72
CA TYR A 209 -0.03 -13.42 4.73
C TYR A 209 -0.99 -13.22 3.56
N PRO A 210 -0.90 -12.09 2.87
CA PRO A 210 -1.80 -11.87 1.73
C PRO A 210 -1.49 -12.82 0.59
N ASP A 211 -2.44 -12.93 -0.34
CA ASP A 211 -2.17 -13.59 -1.61
C ASP A 211 -1.09 -12.80 -2.33
N ILE A 212 -0.19 -13.49 -3.01
CA ILE A 212 0.79 -12.83 -3.87
C ILE A 212 0.65 -13.24 -5.32
N ASN A 213 0.46 -14.52 -5.60
CA ASN A 213 0.28 -14.95 -6.97
C ASN A 213 -1.01 -14.36 -7.53
N PHE A 214 -0.99 -14.04 -8.83
CA PHE A 214 -2.02 -13.23 -9.47
C PHE A 214 -3.20 -14.03 -9.99
N ASN A 215 -3.36 -15.31 -9.62
CA ASN A 215 -4.35 -16.14 -10.31
C ASN A 215 -5.78 -15.58 -10.19
N ARG A 216 -6.12 -14.92 -9.08
CA ARG A 216 -7.48 -14.40 -8.98
C ARG A 216 -7.71 -13.18 -9.86
N LEU A 217 -6.64 -12.60 -10.40
N LEU A 217 -6.65 -12.57 -10.40
CA LEU A 217 -6.77 -11.53 -11.39
CA LEU A 217 -6.89 -11.51 -11.38
C LEU A 217 -7.32 -12.06 -12.71
C LEU A 217 -7.43 -12.08 -12.68
N PHE A 218 -7.21 -13.36 -12.94
CA PHE A 218 -7.61 -13.99 -14.19
C PHE A 218 -9.02 -14.58 -14.15
N GLU A 219 -9.69 -14.56 -13.00
CA GLU A 219 -10.94 -15.28 -12.86
C GLU A 219 -12.13 -14.35 -13.07
N GLY A 220 -13.21 -14.89 -13.63
CA GLY A 220 -14.48 -14.19 -13.66
C GLY A 220 -14.65 -13.24 -14.84
N ARG A 221 -15.78 -12.52 -14.81
CA ARG A 221 -16.17 -11.65 -15.92
C ARG A 221 -16.45 -10.21 -15.48
N SER A 222 -15.93 -9.79 -14.33
CA SER A 222 -16.07 -8.40 -13.95
C SER A 222 -15.54 -7.48 -15.04
N SER A 223 -16.31 -6.42 -15.34
CA SER A 223 -15.82 -5.40 -16.25
C SER A 223 -14.59 -4.69 -15.70
N ARG A 224 -14.27 -4.89 -14.42
CA ARG A 224 -13.13 -4.24 -13.78
C ARG A 224 -11.81 -4.94 -14.12
N LYS A 225 -11.85 -6.23 -14.44
CA LYS A 225 -10.61 -6.96 -14.67
C LYS A 225 -9.82 -6.43 -15.86
N PRO A 226 -10.43 -6.12 -17.01
CA PRO A 226 -9.66 -5.54 -18.11
C PRO A 226 -8.96 -4.25 -17.74
N GLU A 227 -9.57 -3.45 -16.87
CA GLU A 227 -8.93 -2.21 -16.45
C GLU A 227 -7.76 -2.49 -15.52
N LYS A 228 -7.91 -3.47 -14.62
CA LYS A 228 -6.78 -3.88 -13.80
C LYS A 228 -5.64 -4.40 -14.67
N LEU A 229 -5.97 -5.26 -15.65
CA LEU A 229 -4.93 -5.84 -16.50
C LEU A 229 -4.27 -4.77 -17.37
N LYS A 230 -5.04 -3.84 -17.93
CA LYS A 230 -4.41 -2.73 -18.67
C LYS A 230 -3.44 -1.96 -17.79
N THR A 231 -3.81 -1.75 -16.53
CA THR A 231 -2.97 -0.98 -15.62
C THR A 231 -1.68 -1.74 -15.32
N LEU A 232 -1.77 -3.06 -15.10
CA LEU A 232 -0.58 -3.84 -14.77
C LEU A 232 0.29 -4.07 -15.99
N PHE A 233 -0.30 -4.30 -17.17
CA PHE A 233 0.51 -4.47 -18.35
C PHE A 233 1.21 -3.18 -18.77
N CYS A 234 0.62 -2.02 -18.46
CA CYS A 234 1.35 -0.77 -18.65
C CYS A 234 2.66 -0.77 -17.87
N TYR A 235 2.57 -1.09 -16.57
CA TYR A 235 3.76 -1.23 -15.75
C TYR A 235 4.74 -2.26 -16.33
N PHE A 236 4.28 -3.46 -16.60
CA PHE A 236 5.16 -4.52 -17.11
C PHE A 236 5.82 -4.10 -18.42
N ARG A 237 5.05 -3.44 -19.29
CA ARG A 237 5.60 -2.98 -20.61
C ARG A 237 6.72 -1.96 -20.35
N ARG A 238 6.58 -1.10 -19.36
CA ARG A 238 7.56 -0.04 -19.04
C ARG A 238 8.81 -0.61 -18.37
N VAL A 239 8.69 -1.51 -17.40
CA VAL A 239 9.87 -1.94 -16.66
C VAL A 239 10.63 -3.06 -17.36
N THR A 240 10.03 -3.77 -18.31
CA THR A 240 10.80 -4.70 -19.13
C THR A 240 11.47 -4.02 -20.30
N GLU A 241 10.92 -2.89 -20.78
CA GLU A 241 11.51 -2.18 -21.90
C GLU A 241 12.75 -1.40 -21.47
N LYS A 242 12.70 -0.78 -20.30
CA LYS A 242 13.80 0.03 -19.79
C LYS A 242 13.87 -0.20 -18.29
N LYS A 243 14.89 -0.91 -17.84
CA LYS A 243 15.04 -1.26 -16.43
C LYS A 243 14.96 0.00 -15.57
N PRO A 244 14.11 0.02 -14.54
CA PRO A 244 14.16 1.14 -13.58
C PRO A 244 15.44 1.11 -12.76
N THR A 245 15.88 2.30 -12.32
CA THR A 245 17.19 2.40 -11.68
C THR A 245 17.14 2.65 -10.18
N GLY A 246 15.98 2.89 -9.58
CA GLY A 246 15.90 3.32 -8.20
C GLY A 246 15.71 2.16 -7.21
N LEU A 247 15.57 2.55 -5.94
CA LEU A 247 15.35 1.63 -4.84
C LEU A 247 13.99 1.92 -4.20
N VAL A 248 13.50 0.92 -3.44
CA VAL A 248 12.28 1.02 -2.66
C VAL A 248 12.54 0.41 -1.29
N THR A 249 12.08 1.07 -0.23
CA THR A 249 12.19 0.58 1.13
C THR A 249 10.82 0.19 1.67
N PHE A 250 10.76 -0.96 2.33
CA PHE A 250 9.59 -1.49 3.00
C PHE A 250 9.93 -1.64 4.48
N THR A 251 9.19 -0.95 5.34
CA THR A 251 9.49 -0.96 6.78
C THR A 251 8.25 -1.38 7.54
N ARG A 252 8.36 -2.47 8.31
CA ARG A 252 7.33 -2.80 9.28
C ARG A 252 7.63 -2.07 10.58
N GLN A 253 6.64 -1.37 11.13
CA GLN A 253 6.80 -0.62 12.36
C GLN A 253 5.77 -1.08 13.38
N SER A 254 6.25 -1.45 14.57
CA SER A 254 5.45 -1.92 15.68
C SER A 254 5.81 -1.08 16.89
N LEU A 255 4.84 -0.34 17.43
CA LEU A 255 5.08 0.48 18.61
C LEU A 255 4.54 -0.20 19.85
N GLU A 256 5.24 0.00 20.97
CA GLU A 256 4.79 -0.47 22.27
C GLU A 256 4.32 0.64 23.18
N ASP A 257 4.87 1.84 23.05
CA ASP A 257 4.53 2.98 23.91
C ASP A 257 3.56 3.88 23.16
N PHE A 258 2.28 3.85 23.56
CA PHE A 258 1.26 4.68 22.95
C PHE A 258 0.82 5.78 23.92
N PRO A 259 0.30 6.89 23.40
CA PRO A 259 -0.07 7.99 24.29
C PRO A 259 -1.13 7.61 25.30
N GLU A 260 -1.05 8.24 26.47
CA GLU A 260 -2.19 8.34 27.38
C GLU A 260 -3.04 9.47 26.86
N TRP A 261 -3.94 9.14 25.92
CA TRP A 261 -4.62 10.18 25.14
C TRP A 261 -5.35 11.16 26.05
N GLU A 262 -5.97 10.69 27.12
CA GLU A 262 -6.71 11.57 28.01
C GLU A 262 -5.81 12.59 28.70
N ARG A 263 -4.51 12.31 28.79
CA ARG A 263 -3.58 13.15 29.52
C ARG A 263 -2.65 13.95 28.61
N CYS A 264 -2.83 13.87 27.29
CA CYS A 264 -1.89 14.45 26.34
C CYS A 264 -2.16 15.95 26.21
N GLU A 265 -1.17 16.76 26.57
CA GLU A 265 -1.34 18.21 26.60
C GLU A 265 -0.84 18.89 25.34
N LYS A 266 -0.59 18.12 24.28
CA LYS A 266 -0.10 18.71 23.05
C LYS A 266 -1.21 19.50 22.35
N PRO A 267 -0.88 20.64 21.74
CA PRO A 267 -1.88 21.38 20.96
C PRO A 267 -2.19 20.65 19.66
N LEU A 268 -3.27 21.09 19.00
CA LEU A 268 -3.51 20.61 17.65
C LEU A 268 -2.55 21.27 16.68
N THR A 269 -2.34 20.62 15.55
CA THR A 269 -1.45 21.13 14.52
C THR A 269 -2.28 21.77 13.40
N ARG A 270 -1.63 22.10 12.29
CA ARG A 270 -2.31 22.84 11.22
C ARG A 270 -3.10 21.89 10.32
N LEU A 271 -4.12 22.47 9.68
CA LEU A 271 -5.02 21.73 8.80
C LEU A 271 -5.19 22.48 7.49
N HIS A 272 -5.08 21.74 6.39
CA HIS A 272 -5.58 22.14 5.08
C HIS A 272 -6.60 21.07 4.69
N VAL A 273 -7.82 21.50 4.37
CA VAL A 273 -8.87 20.56 4.01
C VAL A 273 -9.54 21.05 2.72
N THR A 274 -9.74 20.12 1.77
CA THR A 274 -10.22 20.47 0.45
C THR A 274 -11.05 19.33 -0.10
N TYR A 275 -12.10 19.65 -0.86
CA TYR A 275 -12.91 18.63 -1.50
C TYR A 275 -12.51 18.40 -2.95
N GLU A 276 -11.44 19.03 -3.41
CA GLU A 276 -10.87 18.73 -4.72
C GLU A 276 -9.50 18.10 -4.52
N GLY A 277 -9.01 17.43 -5.57
CA GLY A 277 -7.68 16.85 -5.56
C GLY A 277 -7.65 15.45 -5.00
N THR A 278 -6.45 14.86 -5.03
CA THR A 278 -6.22 13.50 -4.55
C THR A 278 -4.94 13.43 -3.75
N ILE A 279 -4.85 12.40 -2.91
CA ILE A 279 -3.64 12.18 -2.12
C ILE A 279 -2.43 12.05 -3.03
N GLU A 280 -2.54 11.22 -4.07
CA GLU A 280 -1.35 10.88 -4.84
C GLU A 280 -0.88 12.03 -5.71
N GLU A 281 -1.79 12.88 -6.17
CA GLU A 281 -1.39 13.99 -7.03
C GLU A 281 -1.10 15.26 -6.24
N ASN A 282 -1.98 15.61 -5.31
CA ASN A 282 -1.83 16.86 -4.58
C ASN A 282 -1.10 16.70 -3.25
N GLY A 283 -0.82 15.47 -2.83
CA GLY A 283 -0.06 15.22 -1.62
C GLY A 283 1.38 14.85 -1.92
N GLN A 284 1.91 15.40 -3.01
CA GLN A 284 3.28 15.10 -3.40
C GLN A 284 4.27 15.47 -2.28
N GLY A 285 5.16 14.54 -1.95
CA GLY A 285 6.15 14.78 -0.91
C GLY A 285 5.61 14.69 0.51
N MET A 286 4.36 14.33 0.69
CA MET A 286 3.75 14.23 2.01
C MET A 286 3.59 12.77 2.39
N LEU A 287 3.35 12.53 3.67
CA LEU A 287 3.08 11.16 4.10
C LEU A 287 1.68 10.79 3.62
N GLN A 288 1.62 9.90 2.64
CA GLN A 288 0.37 9.55 1.98
C GLN A 288 -0.23 8.31 2.63
N VAL A 289 -1.47 8.42 3.10
CA VAL A 289 -2.13 7.31 3.78
C VAL A 289 -2.75 6.37 2.77
N ASP A 290 -2.49 5.08 2.94
CA ASP A 290 -3.22 4.00 2.27
C ASP A 290 -4.25 3.45 3.26
N PHE A 291 -5.53 3.55 2.89
CA PHE A 291 -6.64 3.02 3.70
C PHE A 291 -6.65 1.49 3.56
N ALA A 292 -5.84 0.84 4.38
CA ALA A 292 -5.44 -0.53 4.09
C ALA A 292 -6.37 -1.58 4.68
N ASN A 293 -6.37 -2.74 4.03
CA ASN A 293 -6.76 -4.00 4.65
C ASN A 293 -5.63 -4.47 5.55
N ARG A 294 -6.00 -5.13 6.66
CA ARG A 294 -4.97 -5.72 7.52
C ARG A 294 -4.06 -6.63 6.73
N PHE A 295 -4.58 -7.28 5.68
CA PHE A 295 -3.76 -7.95 4.68
C PHE A 295 -3.43 -6.90 3.62
N VAL A 296 -2.19 -6.38 3.63
CA VAL A 296 -1.92 -5.16 2.87
C VAL A 296 -2.20 -5.40 1.39
N GLY A 297 -2.72 -4.35 0.73
CA GLY A 297 -3.12 -4.42 -0.64
C GLY A 297 -4.56 -4.84 -0.87
N GLY A 298 -5.22 -5.38 0.14
CA GLY A 298 -6.62 -5.72 0.02
C GLY A 298 -6.86 -6.71 -1.10
N GLY A 299 -7.83 -6.39 -1.96
CA GLY A 299 -8.17 -7.23 -3.07
C GLY A 299 -7.53 -6.80 -4.38
N VAL A 300 -6.31 -6.26 -4.32
CA VAL A 300 -5.71 -5.72 -5.52
C VAL A 300 -5.57 -6.81 -6.58
N THR A 301 -5.14 -8.01 -6.17
CA THR A 301 -4.93 -9.13 -7.08
C THR A 301 -6.17 -10.02 -7.23
N SER A 302 -7.32 -9.58 -6.72
CA SER A 302 -8.55 -10.35 -6.91
C SER A 302 -9.66 -9.39 -7.31
N ALA A 303 -10.70 -9.30 -6.49
CA ALA A 303 -11.78 -8.36 -6.68
C ALA A 303 -11.66 -7.31 -5.60
N GLY A 304 -11.68 -6.06 -5.99
CA GLY A 304 -11.37 -4.99 -5.08
C GLY A 304 -10.75 -3.88 -5.88
N LEU A 305 -11.33 -2.69 -5.79
CA LEU A 305 -10.90 -1.61 -6.66
C LEU A 305 -11.33 -0.26 -6.08
N VAL A 306 -11.08 -0.08 -4.79
CA VAL A 306 -11.25 1.23 -4.15
C VAL A 306 -9.86 1.74 -3.75
N GLN A 307 -9.79 2.62 -2.74
CA GLN A 307 -8.63 3.49 -2.59
C GLN A 307 -7.32 2.69 -2.57
N GLU A 308 -7.25 1.65 -1.73
CA GLU A 308 -5.99 0.94 -1.59
C GLU A 308 -5.63 0.21 -2.88
N GLU A 309 -6.59 -0.51 -3.46
CA GLU A 309 -6.30 -1.30 -4.65
C GLU A 309 -5.89 -0.40 -5.81
N ILE A 310 -6.54 0.75 -5.96
CA ILE A 310 -6.17 1.68 -7.02
C ILE A 310 -4.72 2.13 -6.85
N ARG A 311 -4.35 2.52 -5.63
CA ARG A 311 -2.97 2.97 -5.41
C ARG A 311 -1.98 1.84 -5.69
N PHE A 312 -2.31 0.61 -5.30
CA PHE A 312 -1.45 -0.52 -5.58
C PHE A 312 -1.36 -0.82 -7.07
N LEU A 313 -2.38 -0.41 -7.85
CA LEU A 313 -2.35 -0.66 -9.30
C LEU A 313 -1.54 0.40 -10.04
N ILE A 314 -1.68 1.68 -9.65
CA ILE A 314 -0.94 2.71 -10.37
C ILE A 314 0.51 2.81 -9.89
N ASN A 315 0.82 2.28 -8.70
CA ASN A 315 2.17 2.12 -8.18
C ASN A 315 2.40 0.64 -7.86
N PRO A 316 2.58 -0.21 -8.89
CA PRO A 316 2.58 -1.68 -8.65
C PRO A 316 3.69 -2.19 -7.76
N GLU A 317 4.79 -1.46 -7.61
CA GLU A 317 5.82 -1.92 -6.69
C GLU A 317 5.27 -2.08 -5.28
N LEU A 318 4.17 -1.40 -4.94
CA LEU A 318 3.50 -1.64 -3.66
C LEU A 318 3.04 -3.08 -3.51
N ILE A 319 2.63 -3.72 -4.61
CA ILE A 319 2.07 -5.07 -4.55
C ILE A 319 3.04 -6.05 -3.94
N ILE A 320 4.34 -5.86 -4.15
CA ILE A 320 5.28 -6.86 -3.67
C ILE A 320 5.33 -6.90 -2.15
N SER A 321 4.79 -5.89 -1.46
CA SER A 321 4.69 -5.97 -0.01
C SER A 321 3.92 -7.21 0.41
N ARG A 322 3.01 -7.68 -0.45
CA ARG A 322 2.22 -8.87 -0.15
C ARG A 322 3.07 -10.14 -0.13
N LEU A 323 4.23 -10.12 -0.77
CA LEU A 323 5.10 -11.30 -0.75
C LEU A 323 5.62 -11.58 0.65
N PHE A 324 5.91 -10.53 1.43
CA PHE A 324 6.62 -10.70 2.69
C PHE A 324 6.01 -10.01 3.91
N THR A 325 4.83 -9.38 3.82
CA THR A 325 4.29 -8.61 4.94
C THR A 325 3.16 -9.37 5.61
N GLU A 326 3.39 -9.82 6.85
CA GLU A 326 2.35 -10.52 7.58
C GLU A 326 1.21 -9.57 7.94
N VAL A 327 0.01 -10.14 8.10
CA VAL A 327 -1.16 -9.34 8.44
C VAL A 327 -0.83 -8.40 9.60
N LEU A 328 -1.32 -7.18 9.51
CA LEU A 328 -0.99 -6.16 10.49
C LEU A 328 -1.78 -6.38 11.77
N ASP A 329 -1.09 -6.40 12.91
CA ASP A 329 -1.75 -6.39 14.20
C ASP A 329 -2.13 -4.96 14.55
N HIS A 330 -2.82 -4.80 15.68
CA HIS A 330 -3.42 -3.49 15.98
C HIS A 330 -2.36 -2.41 16.15
N ASN A 331 -1.15 -2.77 16.58
CA ASN A 331 -0.15 -1.77 16.89
C ASN A 331 0.89 -1.59 15.79
N GLU A 332 0.57 -1.98 14.54
CA GLU A 332 1.58 -2.05 13.49
C GLU A 332 1.15 -1.34 12.22
N CYS A 333 2.14 -0.94 11.42
CA CYS A 333 1.91 -0.40 10.09
C CYS A 333 3.05 -0.83 9.17
N LEU A 334 2.86 -0.54 7.87
CA LEU A 334 3.88 -0.74 6.85
C LEU A 334 4.14 0.58 6.14
N ILE A 335 5.41 0.99 6.09
CA ILE A 335 5.83 2.24 5.48
C ILE A 335 6.65 1.91 4.23
N ILE A 336 6.20 2.40 3.07
CA ILE A 336 6.86 2.12 1.80
C ILE A 336 7.34 3.44 1.19
N THR A 337 8.65 3.54 0.97
CA THR A 337 9.27 4.74 0.43
C THR A 337 9.92 4.41 -0.91
N GLY A 338 9.53 5.15 -1.95
CA GLY A 338 10.18 5.06 -3.24
C GLY A 338 9.37 4.44 -4.37
N THR A 339 8.12 4.04 -4.16
CA THR A 339 7.39 3.48 -5.29
C THR A 339 7.08 4.56 -6.32
N GLU A 340 7.07 4.14 -7.56
CA GLU A 340 6.91 5.00 -8.73
C GLU A 340 5.50 4.85 -9.27
N GLN A 341 4.93 5.95 -9.74
CA GLN A 341 3.62 5.91 -10.39
C GLN A 341 3.82 5.68 -11.89
N TYR A 342 3.19 4.62 -12.40
CA TYR A 342 3.31 4.25 -13.80
C TYR A 342 2.04 4.49 -14.60
N SER A 343 0.91 4.72 -13.94
CA SER A 343 -0.39 4.83 -14.61
C SER A 343 -1.18 6.01 -14.08
N GLU A 344 -2.05 6.55 -14.93
CA GLU A 344 -3.10 7.47 -14.54
C GLU A 344 -4.45 6.79 -14.73
N TYR A 345 -5.45 7.24 -13.98
CA TYR A 345 -6.75 6.58 -13.94
C TYR A 345 -7.84 7.62 -13.76
N THR A 346 -9.08 7.19 -14.01
CA THR A 346 -10.27 7.93 -13.62
C THR A 346 -11.21 6.99 -12.89
N GLY A 347 -12.11 7.56 -12.09
CA GLY A 347 -13.14 6.79 -11.42
C GLY A 347 -12.64 5.92 -10.28
N TYR A 348 -13.53 5.06 -9.80
CA TYR A 348 -13.20 4.04 -8.81
C TYR A 348 -14.27 2.97 -8.83
N ALA A 349 -13.91 1.79 -8.32
CA ALA A 349 -14.78 0.62 -8.34
C ALA A 349 -15.35 0.40 -9.73
N GLU A 350 -16.68 0.37 -9.86
CA GLU A 350 -17.30 0.07 -11.15
C GLU A 350 -16.95 1.09 -12.22
N THR A 351 -16.50 2.29 -11.86
CA THR A 351 -16.16 3.30 -12.86
C THR A 351 -14.65 3.45 -13.06
N TYR A 352 -13.83 2.64 -12.39
CA TYR A 352 -12.39 2.75 -12.59
C TYR A 352 -12.04 2.46 -14.04
N ARG A 353 -11.20 3.32 -14.61
CA ARG A 353 -10.65 3.09 -15.95
C ARG A 353 -9.18 3.49 -15.97
N TRP A 354 -8.36 2.66 -16.62
CA TRP A 354 -6.99 3.06 -16.93
C TRP A 354 -7.03 4.16 -17.99
N SER A 355 -6.33 5.26 -17.73
CA SER A 355 -6.30 6.41 -18.63
C SER A 355 -5.12 6.37 -19.60
N ARG A 356 -3.91 6.30 -19.07
CA ARG A 356 -2.71 6.44 -19.88
C ARG A 356 -1.50 6.13 -19.01
N SER A 357 -0.36 5.98 -19.66
CA SER A 357 0.92 5.87 -18.97
C SER A 357 1.25 7.18 -18.26
N HIS A 358 1.92 7.06 -17.11
CA HIS A 358 2.34 8.21 -16.32
C HIS A 358 3.86 8.23 -16.23
N GLU A 359 4.45 9.40 -16.49
CA GLU A 359 5.87 9.62 -16.32
C GLU A 359 6.09 10.29 -14.97
N ASP A 360 6.59 9.51 -14.01
CA ASP A 360 6.78 10.00 -12.65
C ASP A 360 7.89 11.04 -12.65
N GLY A 361 7.56 12.27 -12.22
CA GLY A 361 8.52 13.35 -12.10
C GLY A 361 9.02 13.59 -10.69
N SER A 362 8.79 12.66 -9.76
CA SER A 362 9.29 12.81 -8.41
C SER A 362 10.81 12.83 -8.39
N GLU A 363 11.37 13.67 -7.53
CA GLU A 363 12.80 13.60 -7.23
C GLU A 363 13.12 12.30 -6.51
N ARG A 364 14.40 11.93 -6.54
CA ARG A 364 14.90 10.79 -5.78
C ARG A 364 15.79 11.29 -4.65
N ASP A 365 15.75 10.59 -3.52
CA ASP A 365 16.57 10.94 -2.38
C ASP A 365 17.97 10.34 -2.56
N ASP A 366 18.80 10.43 -1.54
CA ASP A 366 20.20 10.00 -1.66
C ASP A 366 20.35 8.49 -1.68
N TRP A 367 19.30 7.74 -1.40
CA TRP A 367 19.26 6.31 -1.63
C TRP A 367 18.60 5.96 -2.95
N GLN A 368 18.42 6.94 -3.84
CA GLN A 368 17.81 6.72 -5.14
C GLN A 368 16.39 6.18 -5.01
N ARG A 369 15.68 6.62 -3.97
CA ARG A 369 14.25 6.31 -3.81
C ARG A 369 13.43 7.53 -4.23
N ARG A 370 12.43 7.33 -5.09
CA ARG A 370 11.46 8.37 -5.36
C ARG A 370 10.98 8.98 -4.05
N CYS A 371 10.79 10.29 -4.03
CA CYS A 371 10.38 10.99 -2.81
C CYS A 371 8.87 10.86 -2.61
N THR A 372 8.45 9.62 -2.43
CA THR A 372 7.05 9.27 -2.24
C THR A 372 6.98 8.26 -1.10
N GLU A 373 6.32 8.64 -0.02
CA GLU A 373 6.21 7.83 1.19
C GLU A 373 4.74 7.52 1.42
N ILE A 374 4.42 6.23 1.50
CA ILE A 374 3.06 5.74 1.69
C ILE A 374 3.05 4.89 2.94
N VAL A 375 2.04 5.08 3.79
CA VAL A 375 1.89 4.25 4.98
C VAL A 375 0.55 3.53 4.92
N ALA A 376 0.62 2.21 5.05
CA ALA A 376 -0.56 1.38 5.12
C ALA A 376 -0.99 1.25 6.57
N ILE A 377 -2.16 1.79 6.90
CA ILE A 377 -2.80 1.63 8.19
C ILE A 377 -4.22 1.14 7.93
N ASP A 378 -4.60 0.07 8.62
CA ASP A 378 -5.89 -0.56 8.41
C ASP A 378 -6.88 -0.06 9.46
N ALA A 379 -8.01 0.49 9.01
CA ALA A 379 -9.08 0.85 9.92
C ALA A 379 -9.83 -0.41 10.35
N LEU A 380 -10.62 -0.27 11.41
CA LEU A 380 -11.51 -1.34 11.81
C LEU A 380 -12.73 -1.37 10.91
N HIS A 381 -13.35 -2.55 10.87
CA HIS A 381 -14.59 -2.77 10.14
C HIS A 381 -15.72 -2.86 11.17
N PHE A 382 -16.71 -2.00 11.04
CA PHE A 382 -17.77 -1.89 12.04
C PHE A 382 -19.05 -2.48 11.47
N ARG A 383 -19.50 -3.59 12.06
CA ARG A 383 -20.81 -4.14 11.74
C ARG A 383 -21.91 -3.15 12.15
N ARG A 384 -21.80 -2.59 13.34
CA ARG A 384 -22.77 -1.63 13.85
C ARG A 384 -22.13 -0.25 13.93
N TYR A 385 -22.84 0.76 13.41
CA TYR A 385 -22.34 2.13 13.37
C TYR A 385 -21.88 2.61 14.75
N LEU A 386 -22.69 2.39 15.79
CA LEU A 386 -22.34 2.91 17.11
C LEU A 386 -21.12 2.22 17.72
N ASP A 387 -20.72 1.05 17.22
CA ASP A 387 -19.57 0.37 17.81
C ASP A 387 -18.31 1.21 17.76
N GLN A 388 -18.18 2.10 16.78
CA GLN A 388 -16.91 2.81 16.62
C GLN A 388 -16.69 3.89 17.65
N PHE A 389 -17.73 4.27 18.40
CA PHE A 389 -17.60 5.25 19.47
C PHE A 389 -17.25 4.62 20.81
N VAL A 390 -17.19 3.29 20.88
CA VAL A 390 -16.72 2.64 22.10
C VAL A 390 -15.29 3.08 22.39
N PRO A 391 -14.95 3.47 23.62
CA PRO A 391 -13.61 4.03 23.86
C PRO A 391 -12.48 3.12 23.44
N GLU A 392 -12.57 1.82 23.69
CA GLU A 392 -11.53 0.88 23.28
C GLU A 392 -11.32 0.93 21.77
N LYS A 393 -12.40 1.11 21.01
CA LYS A 393 -12.29 1.17 19.54
C LYS A 393 -11.74 2.51 19.08
N MET A 394 -12.16 3.61 19.72
CA MET A 394 -11.57 4.91 19.40
C MET A 394 -10.08 4.92 19.70
N ARG A 395 -9.71 4.40 20.87
CA ARG A 395 -8.29 4.32 21.23
C ARG A 395 -7.52 3.50 20.20
N ARG A 396 -8.09 2.38 19.76
CA ARG A 396 -7.44 1.54 18.77
C ARG A 396 -7.12 2.31 17.50
N GLU A 397 -8.10 3.07 16.99
CA GLU A 397 -7.89 3.82 15.74
C GLU A 397 -6.88 4.94 15.95
N LEU A 398 -6.94 5.63 17.10
CA LEU A 398 -5.95 6.64 17.42
C LEU A 398 -4.54 6.05 17.42
N ASN A 399 -4.39 4.89 18.05
CA ASN A 399 -3.06 4.27 18.16
C ASN A 399 -2.57 3.74 16.81
N LYS A 400 -3.48 3.24 15.99
CA LYS A 400 -3.10 2.78 14.64
C LYS A 400 -2.59 3.94 13.80
N ALA A 401 -3.33 5.05 13.79
CA ALA A 401 -2.89 6.24 13.06
C ALA A 401 -1.61 6.81 13.64
N TYR A 402 -1.52 6.86 14.97
CA TYR A 402 -0.32 7.36 15.62
C TYR A 402 0.91 6.54 15.20
N CYS A 403 0.78 5.22 15.23
CA CYS A 403 1.87 4.37 14.74
C CYS A 403 2.21 4.69 13.29
N GLY A 404 1.19 4.88 12.45
CA GLY A 404 1.43 5.22 11.06
C GLY A 404 2.15 6.54 10.86
N PHE A 405 1.92 7.50 11.76
CA PHE A 405 2.44 8.85 11.59
C PHE A 405 3.78 9.08 12.31
N LEU A 406 4.05 8.32 13.36
CA LEU A 406 5.22 8.60 14.20
C LEU A 406 6.49 8.07 13.53
N ARG A 407 7.55 8.87 13.59
CA ARG A 407 8.87 8.49 13.09
C ARG A 407 9.87 8.64 14.22
N PRO A 408 10.10 7.60 15.01
CA PRO A 408 11.10 7.68 16.07
C PRO A 408 12.47 8.06 15.51
N GLY A 409 13.12 9.01 16.17
CA GLY A 409 14.43 9.48 15.76
C GLY A 409 14.41 10.73 14.91
N VAL A 410 13.23 11.15 14.44
CA VAL A 410 13.12 12.29 13.54
C VAL A 410 12.42 13.43 14.27
N SER A 411 12.92 14.65 14.06
CA SER A 411 12.39 15.85 14.69
C SER A 411 11.22 16.40 13.88
N SER A 412 10.30 17.05 14.57
CA SER A 412 9.03 17.44 13.94
C SER A 412 9.25 18.35 12.75
N GLU A 413 10.28 19.20 12.80
CA GLU A 413 10.51 20.10 11.68
C GLU A 413 10.89 19.36 10.41
N ASN A 414 11.34 18.10 10.53
CA ASN A 414 11.73 17.30 9.38
C ASN A 414 10.63 16.32 8.97
N LEU A 415 9.41 16.51 9.45
CA LEU A 415 8.29 15.62 9.16
C LEU A 415 7.34 16.32 8.20
N SER A 416 7.10 15.68 7.05
CA SER A 416 6.11 16.19 6.13
C SER A 416 4.72 16.15 6.75
N ALA A 417 3.82 16.94 6.17
CA ALA A 417 2.42 16.86 6.52
C ALA A 417 1.88 15.46 6.17
N VAL A 418 0.78 15.10 6.84
CA VAL A 418 0.05 13.88 6.53
C VAL A 418 -0.98 14.20 5.45
N ALA A 419 -0.96 13.43 4.36
CA ALA A 419 -1.94 13.56 3.29
C ALA A 419 -2.91 12.38 3.42
N THR A 420 -4.16 12.67 3.80
CA THR A 420 -5.10 11.60 4.09
C THR A 420 -6.51 12.04 3.67
N GLY A 421 -7.51 11.25 4.06
CA GLY A 421 -8.90 11.48 3.72
C GLY A 421 -9.84 10.63 4.56
N ASN A 422 -10.96 10.19 3.99
CA ASN A 422 -12.00 9.49 4.75
C ASN A 422 -11.60 8.05 5.02
N TRP A 423 -10.61 7.90 5.90
CA TRP A 423 -10.03 6.60 6.22
C TRP A 423 -11.06 5.68 6.87
N GLY A 424 -11.25 4.50 6.29
CA GLY A 424 -12.14 3.52 6.86
C GLY A 424 -13.62 3.86 6.74
N CYS A 425 -13.96 4.87 5.94
CA CYS A 425 -15.34 5.20 5.66
C CYS A 425 -15.72 4.64 4.30
N GLY A 426 -16.98 4.31 4.15
CA GLY A 426 -17.43 3.47 3.05
C GLY A 426 -17.75 2.06 3.53
N ALA A 427 -17.15 1.07 2.88
CA ALA A 427 -17.47 -0.33 3.19
C ALA A 427 -17.26 -0.65 4.66
N PHE A 428 -16.24 -0.05 5.30
CA PHE A 428 -15.92 -0.35 6.69
C PHE A 428 -16.90 0.24 7.69
N GLY A 429 -17.75 1.17 7.27
CA GLY A 429 -18.75 1.73 8.17
C GLY A 429 -18.28 2.85 9.07
N GLY A 430 -17.09 3.40 8.84
CA GLY A 430 -16.62 4.48 9.67
C GLY A 430 -17.39 5.77 9.45
N ASP A 431 -17.50 6.55 10.52
CA ASP A 431 -18.09 7.89 10.47
C ASP A 431 -16.99 8.89 10.08
N ALA A 432 -17.20 9.64 9.00
CA ALA A 432 -16.12 10.47 8.46
C ALA A 432 -15.71 11.57 9.45
N ARG A 433 -16.67 12.12 10.17
CA ARG A 433 -16.35 13.24 11.05
C ARG A 433 -15.58 12.78 12.29
N LEU A 434 -15.94 11.62 12.84
CA LEU A 434 -15.13 11.00 13.89
C LEU A 434 -13.74 10.65 13.36
N LYS A 435 -13.68 9.96 12.23
CA LYS A 435 -12.37 9.53 11.72
C LYS A 435 -11.47 10.71 11.38
N ALA A 436 -12.05 11.82 10.89
CA ALA A 436 -11.25 13.01 10.66
C ALA A 436 -10.64 13.52 11.96
N LEU A 437 -11.44 13.58 13.02
CA LEU A 437 -10.92 14.06 14.30
C LEU A 437 -9.89 13.09 14.87
N ILE A 438 -10.09 11.78 14.72
CA ILE A 438 -9.11 10.81 15.19
C ILE A 438 -7.77 11.03 14.49
N GLN A 439 -7.79 11.26 13.19
CA GLN A 439 -6.53 11.47 12.48
C GLN A 439 -5.90 12.80 12.87
N ILE A 440 -6.72 13.83 13.08
CA ILE A 440 -6.20 15.12 13.52
C ILE A 440 -5.54 14.98 14.89
N LEU A 441 -6.15 14.24 15.80
CA LEU A 441 -5.55 14.04 17.12
C LEU A 441 -4.26 13.24 17.01
N ALA A 442 -4.27 12.16 16.22
CA ALA A 442 -3.07 11.33 16.10
C ALA A 442 -1.93 12.10 15.46
N ALA A 443 -2.22 12.90 14.43
CA ALA A 443 -1.20 13.75 13.84
C ALA A 443 -0.66 14.76 14.85
N ALA A 444 -1.54 15.38 15.63
CA ALA A 444 -1.06 16.31 16.65
C ALA A 444 -0.09 15.64 17.61
N ALA A 445 -0.42 14.42 18.06
CA ALA A 445 0.46 13.73 18.99
C ALA A 445 1.78 13.36 18.34
N ALA A 446 1.78 13.07 17.04
CA ALA A 446 3.01 12.83 16.30
C ALA A 446 3.66 14.10 15.78
N GLU A 447 3.07 15.27 16.06
CA GLU A 447 3.65 16.57 15.71
C GLU A 447 3.77 16.75 14.19
N ARG A 448 2.71 16.37 13.48
CA ARG A 448 2.60 16.59 12.04
C ARG A 448 1.33 17.37 11.73
N ASP A 449 1.41 18.19 10.69
CA ASP A 449 0.25 18.87 10.14
C ASP A 449 -0.56 17.91 9.29
N VAL A 450 -1.78 18.30 8.96
CA VAL A 450 -2.72 17.44 8.26
C VAL A 450 -3.21 18.11 7.00
N VAL A 451 -3.18 17.37 5.89
CA VAL A 451 -3.74 17.77 4.61
C VAL A 451 -4.84 16.75 4.30
N TYR A 452 -6.09 17.20 4.30
CA TYR A 452 -7.24 16.30 4.32
C TYR A 452 -8.05 16.47 3.04
N PHE A 453 -8.23 15.38 2.31
CA PHE A 453 -8.96 15.38 1.05
C PHE A 453 -10.32 14.72 1.26
N THR A 454 -11.40 15.45 0.99
CA THR A 454 -12.74 14.91 1.20
C THR A 454 -13.37 14.36 -0.06
N PHE A 455 -12.68 14.42 -1.20
CA PHE A 455 -13.06 13.62 -2.37
C PHE A 455 -14.48 13.97 -2.85
N GLY A 456 -14.72 15.28 -3.05
CA GLY A 456 -15.97 15.76 -3.59
C GLY A 456 -16.99 16.21 -2.57
N ASP A 457 -16.76 15.92 -1.29
CA ASP A 457 -17.74 16.22 -0.23
C ASP A 457 -17.41 17.59 0.35
N SER A 458 -18.05 18.63 -0.20
CA SER A 458 -17.75 20.00 0.22
C SER A 458 -18.30 20.29 1.61
N GLU A 459 -19.43 19.68 1.98
CA GLU A 459 -19.98 19.92 3.31
C GLU A 459 -19.05 19.34 4.38
N LEU A 460 -18.50 18.15 4.12
CA LEU A 460 -17.55 17.57 5.06
C LEU A 460 -16.33 18.46 5.21
N MET A 461 -15.80 18.98 4.10
CA MET A 461 -14.70 19.92 4.18
C MET A 461 -15.03 21.07 5.12
N ARG A 462 -16.20 21.69 4.93
CA ARG A 462 -16.58 22.82 5.75
C ARG A 462 -16.71 22.41 7.20
N ASP A 463 -17.28 21.23 7.47
CA ASP A 463 -17.49 20.78 8.84
C ASP A 463 -16.17 20.50 9.54
N ILE A 464 -15.23 19.82 8.87
CA ILE A 464 -13.94 19.53 9.50
C ILE A 464 -13.21 20.84 9.79
N TYR A 465 -13.14 21.73 8.80
CA TYR A 465 -12.49 23.02 9.02
C TYR A 465 -13.10 23.74 10.21
N SER A 466 -14.44 23.82 10.25
CA SER A 466 -15.10 24.58 11.31
C SER A 466 -14.78 24.01 12.69
N MET A 467 -14.81 22.68 12.83
CA MET A 467 -14.46 22.07 14.11
C MET A 467 -12.99 22.33 14.45
N HIS A 468 -12.10 22.18 13.47
CA HIS A 468 -10.68 22.35 13.75
C HIS A 468 -10.38 23.77 14.23
N ILE A 469 -10.96 24.78 13.58
CA ILE A 469 -10.66 26.15 13.99
C ILE A 469 -11.32 26.47 15.33
N PHE A 470 -12.53 25.95 15.56
CA PHE A 470 -13.18 26.07 16.86
C PHE A 470 -12.29 25.55 17.98
N LEU A 471 -11.72 24.36 17.79
CA LEU A 471 -10.92 23.75 18.85
C LEU A 471 -9.59 24.47 19.02
N THR A 472 -8.95 24.87 17.92
CA THR A 472 -7.64 25.51 18.03
C THR A 472 -7.75 26.90 18.62
N GLU A 473 -8.82 27.63 18.31
CA GLU A 473 -8.98 28.98 18.84
C GLU A 473 -9.18 28.96 20.35
N ARG A 474 -9.79 27.91 20.88
CA ARG A 474 -9.95 27.73 22.32
C ARG A 474 -8.79 26.98 22.95
N LYS A 475 -7.74 26.68 22.18
CA LYS A 475 -6.52 26.10 22.71
C LYS A 475 -6.78 24.75 23.40
N LEU A 476 -7.77 24.00 22.94
CA LEU A 476 -8.01 22.68 23.49
C LEU A 476 -6.90 21.72 23.06
N THR A 477 -6.44 20.91 24.00
CA THR A 477 -5.38 19.95 23.78
C THR A 477 -5.95 18.66 23.21
N VAL A 478 -5.03 17.78 22.78
CA VAL A 478 -5.41 16.42 22.39
C VAL A 478 -6.25 15.77 23.48
N GLY A 479 -5.80 15.85 24.73
CA GLY A 479 -6.52 15.24 25.82
C GLY A 479 -7.88 15.88 26.06
N ASP A 480 -7.96 17.20 25.93
CA ASP A 480 -9.25 17.87 26.06
C ASP A 480 -10.25 17.30 25.06
N VAL A 481 -9.82 17.12 23.81
CA VAL A 481 -10.72 16.64 22.77
C VAL A 481 -11.05 15.16 22.98
N TYR A 482 -10.05 14.36 23.34
CA TYR A 482 -10.32 12.94 23.55
C TYR A 482 -11.34 12.75 24.68
N LYS A 483 -11.24 13.57 25.73
CA LYS A 483 -12.20 13.45 26.82
C LYS A 483 -13.60 13.82 26.34
N LEU A 484 -13.71 14.73 25.38
CA LEU A 484 -15.01 15.06 24.81
C LEU A 484 -15.57 13.90 23.99
N LEU A 485 -14.71 13.15 23.31
CA LEU A 485 -15.18 11.94 22.63
C LEU A 485 -15.70 10.92 23.63
N LEU A 486 -15.02 10.79 24.77
CA LEU A 486 -15.48 9.87 25.80
C LEU A 486 -16.84 10.30 26.34
N ARG A 487 -17.03 11.61 26.53
CA ARG A 487 -18.33 12.08 26.99
C ARG A 487 -19.41 11.80 25.96
N TYR A 488 -19.09 11.95 24.68
CA TYR A 488 -20.08 11.66 23.64
C TYR A 488 -20.51 10.20 23.70
N TYR A 489 -19.53 9.29 23.86
CA TYR A 489 -19.86 7.88 23.97
C TYR A 489 -20.83 7.65 25.14
N ASN A 490 -20.50 8.20 26.31
CA ASN A 490 -21.32 7.91 27.49
C ASN A 490 -22.71 8.50 27.35
N GLU A 491 -22.81 9.72 26.83
CA GLU A 491 -24.07 10.45 26.85
C GLU A 491 -24.98 10.06 25.70
N GLU A 492 -24.44 9.74 24.52
CA GLU A 492 -25.26 9.52 23.35
C GLU A 492 -25.14 8.14 22.72
N CYS A 493 -24.19 7.31 23.15
CA CYS A 493 -23.96 6.03 22.48
C CYS A 493 -24.13 4.83 23.39
N ARG A 494 -23.60 4.85 24.60
CA ARG A 494 -23.55 3.62 25.40
C ARG A 494 -24.94 3.09 25.68
N ASN A 495 -25.88 3.97 26.01
CA ASN A 495 -27.24 3.57 26.37
C ASN A 495 -28.25 3.86 25.27
N CYS A 496 -27.78 4.08 24.04
CA CYS A 496 -28.67 4.43 22.96
C CYS A 496 -29.46 3.22 22.50
N GLY A 500 -28.58 4.47 15.58
CA GLY A 500 -27.92 5.76 15.49
C GLY A 500 -28.22 6.68 16.66
N PRO A 501 -27.31 7.60 16.95
CA PRO A 501 -27.47 8.47 18.12
C PRO A 501 -28.42 9.63 17.88
N ASP A 502 -28.97 10.14 18.97
CA ASP A 502 -29.93 11.25 18.89
C ASP A 502 -29.25 12.55 18.46
N ILE A 503 -27.99 12.74 18.82
CA ILE A 503 -27.24 13.96 18.51
C ILE A 503 -25.94 13.54 17.84
N LYS A 504 -25.53 14.30 16.83
CA LYS A 504 -24.31 14.00 16.09
C LYS A 504 -23.08 14.50 16.85
N LEU A 505 -21.92 13.96 16.49
CA LEU A 505 -20.71 14.21 17.27
C LEU A 505 -20.33 15.69 17.30
N TYR A 506 -20.25 16.34 16.13
CA TYR A 506 -19.72 17.69 16.15
C TYR A 506 -20.71 18.62 16.87
N PRO A 507 -22.01 18.52 16.62
CA PRO A 507 -22.95 19.32 17.43
C PRO A 507 -22.78 19.10 18.92
N PHE A 508 -22.59 17.84 19.35
CA PHE A 508 -22.38 17.56 20.76
C PHE A 508 -21.16 18.31 21.29
N ILE A 509 -20.06 18.25 20.55
CA ILE A 509 -18.81 18.89 21.00
C ILE A 509 -18.99 20.40 21.11
N TYR A 510 -19.56 21.02 20.08
CA TYR A 510 -19.76 22.47 20.13
C TYR A 510 -20.55 22.86 21.37
N HIS A 511 -21.63 22.14 21.66
N HIS A 511 -21.62 22.12 21.64
CA HIS A 511 -22.45 22.49 22.82
CA HIS A 511 -22.48 22.42 22.79
C HIS A 511 -21.70 22.24 24.12
C HIS A 511 -21.73 22.22 24.10
N ALA A 512 -20.98 21.12 24.22
CA ALA A 512 -20.28 20.83 25.45
C ALA A 512 -19.24 21.89 25.77
N VAL A 513 -18.50 22.35 24.76
CA VAL A 513 -17.48 23.36 24.98
C VAL A 513 -18.13 24.72 25.25
N GLU A 514 -19.04 25.14 24.38
CA GLU A 514 -19.75 26.40 24.56
C GLU A 514 -20.61 26.33 25.82
C11 M0M B . -15.25 7.36 -0.93
C12 M0M B . -14.78 8.22 0.25
C14 M0M B . -13.41 6.62 1.22
C02 M0M B . -10.34 9.38 -1.14
C03 M0M B . -10.57 8.48 -2.25
C04 M0M B . -9.66 8.38 -3.32
C06 M0M B . -11.47 6.92 -3.75
C08 M0M B . -13.36 4.54 -2.72
C09 M0M B . -14.22 5.82 -2.52
C15 M0M B . -13.36 5.86 -0.12
C18 M0M B . -7.50 9.11 -4.46
C19 M0M B . -8.25 10.10 -2.24
C21 M0M B . -8.86 11.15 -0.04
N05 M0M B . -10.17 7.40 -4.22
N10 M0M B . -14.53 6.04 -1.07
N16 M0M B . -11.63 7.57 -2.48
N17 M0M B . -8.51 9.17 -3.33
N20 M0M B . -9.19 10.17 -1.15
O13 M0M B . -14.57 7.40 1.36
O22 M0M B . -7.24 10.79 -2.24
S01 M0M B . -11.35 9.53 0.13
S07 M0M B . -11.82 5.01 -3.72
H112 M0M B . -16.20 7.14 -0.88
H111 M0M B . -15.12 7.82 -1.77
H122 M0M B . -13.99 8.73 0.04
H121 M0M B . -15.46 8.86 0.49
H141 M0M B . -13.43 5.99 1.96
H142 M0M B . -12.63 7.16 1.38
H061 M0M B . -12.18 7.10 -4.39
H081 M0M B . -13.10 4.16 -1.86
H082 M0M B . -13.88 3.87 -3.18
H091 M0M B . -13.78 6.61 -2.89
H092 M0M B . -15.04 5.78 -3.02
H151 M0M B . -13.28 4.91 0.01
H152 M0M B . -12.56 6.12 -0.62
H181 M0M B . -6.92 9.89 -4.53
H183 M0M B . -7.91 9.06 -5.34
H182 M0M B . -6.87 8.38 -4.41
H213 M0M B . -9.63 11.62 0.30
H212 M0M B . -8.25 11.86 -0.27
H211 M0M B . -8.46 10.76 0.75
H051 M0M B . -9.86 7.14 -4.99
H161 M0M B . -12.32 7.44 -1.99
#